data_3MQ4
#
_entry.id   3MQ4
#
_cell.length_a   54.673
_cell.length_b   131.159
_cell.length_c   140.644
_cell.angle_alpha   90.00
_cell.angle_beta   90.00
_cell.angle_gamma   90.00
#
_symmetry.space_group_name_H-M   'C 2 2 21'
#
loop_
_entity.id
_entity.type
_entity.pdbx_description
1 polymer 'Metabotropic glutamate receptor 7'
2 non-polymer 'MAGNESIUM ION'
3 non-polymer 2-[(1S,2S)-2-carboxycyclopropyl]-3-(9H-xanthen-9-yl)-D-alanine
#
_entity_poly.entity_id   1
_entity_poly.type   'polypeptide(L)'
_entity_poly.pdbx_seq_one_letter_code
;GAMDMYAPHSIRIEGDVTLGGLFPVHAKGPSGVPCGDIKRENGIHRLEAMLYALDQINSDPNLLPNVTLGARILDTCSRD
TYALEQSLTFVQALIQKDTSDVRCTNGEPPVFVKPEKVVGVIGASGSSVSIMVANILRLFQIPQISYASTAPELSDDRRY
DFFSRVVPPDSFQAQAMVDIVKALGWNYVSTLASEGSYGEKGVESFTQISKEAGGLSIAQSVRIPQERKDRTIDFDRIIK
QLLDTPNSRAVVIFANDEDIKQILAAAKRADQVGHFLWVGSDSWGSKINPLHQHEDIAEGAITIQPKRATVEGFDAYFTS
RTLENNRRNVWFAEYWEENFNCKLTISGSKKEDTDRKCTGQERIGKDSNYEQEGKVQFVIDAVYAMAHALHHMNKDLCAD
YRGVCPEMEQAGGKKLLKYIRNVNFNGSAGTPVMFNKNGDAPGRYDIFQYQTTNTSNPGYRLIGQWTDELQLNIEDMQWG
K
;
_entity_poly.pdbx_strand_id   A
#
loop_
_chem_comp.id
_chem_comp.type
_chem_comp.name
_chem_comp.formula
MG non-polymer 'MAGNESIUM ION' 'Mg 2'
Z99 non-polymer 2-[(1S,2S)-2-carboxycyclopropyl]-3-(9H-xanthen-9-yl)-D-alanine 'C20 H19 N O5'
#
# COMPACT_ATOMS: atom_id res chain seq x y z
N HIS A 9 11.17 -17.73 -13.72
CA HIS A 9 10.56 -16.76 -14.63
C HIS A 9 9.90 -15.61 -13.89
N SER A 10 10.10 -14.39 -14.42
CA SER A 10 9.57 -13.12 -13.91
C SER A 10 9.24 -12.19 -15.10
N ILE A 11 8.54 -11.08 -14.85
CA ILE A 11 8.21 -10.10 -15.89
C ILE A 11 9.40 -9.15 -16.07
N ARG A 12 9.95 -9.11 -17.27
CA ARG A 12 11.05 -8.22 -17.65
C ARG A 12 10.60 -7.39 -18.86
N ILE A 13 10.31 -6.11 -18.61
CA ILE A 13 9.88 -5.16 -19.63
C ILE A 13 11.05 -4.21 -19.88
N GLU A 14 11.57 -4.21 -21.12
CA GLU A 14 12.71 -3.39 -21.52
C GLU A 14 12.42 -1.88 -21.43
N GLY A 15 13.41 -1.14 -20.98
CA GLY A 15 13.34 0.31 -20.85
C GLY A 15 14.71 0.92 -20.71
N ASP A 16 14.80 2.23 -20.92
CA ASP A 16 16.05 3.00 -20.81
C ASP A 16 16.50 3.03 -19.36
N VAL A 17 15.53 3.17 -18.46
CA VAL A 17 15.72 3.12 -17.01
C VAL A 17 14.76 2.04 -16.46
N THR A 18 15.22 1.23 -15.48
CA THR A 18 14.39 0.14 -14.94
C THR A 18 13.94 0.34 -13.50
N LEU A 19 12.66 0.04 -13.26
CA LEU A 19 12.04 0.07 -11.94
C LEU A 19 11.83 -1.35 -11.48
N GLY A 20 12.36 -1.69 -10.32
CA GLY A 20 12.14 -3.00 -9.73
C GLY A 20 10.74 -3.04 -9.15
N GLY A 21 10.13 -4.22 -9.19
CA GLY A 21 8.79 -4.46 -8.68
C GLY A 21 8.76 -5.73 -7.87
N LEU A 22 8.06 -5.67 -6.73
CA LEU A 22 7.86 -6.79 -5.81
C LEU A 22 6.37 -6.89 -5.50
N PHE A 23 5.74 -8.00 -5.92
CA PHE A 23 4.30 -8.24 -5.75
C PHE A 23 4.01 -9.65 -5.22
N PRO A 24 3.05 -9.84 -4.29
CA PRO A 24 2.76 -11.20 -3.81
C PRO A 24 1.83 -11.98 -4.74
N VAL A 25 2.32 -12.30 -5.95
CA VAL A 25 1.58 -13.08 -6.96
C VAL A 25 1.04 -14.37 -6.32
N HIS A 26 1.91 -15.10 -5.57
CA HIS A 26 1.52 -16.32 -4.86
C HIS A 26 1.61 -16.12 -3.34
N ALA A 27 0.83 -16.89 -2.58
CA ALA A 27 0.83 -16.79 -1.11
C ALA A 27 1.89 -17.71 -0.49
N LYS A 28 2.17 -17.55 0.83
CA LYS A 28 3.14 -18.39 1.52
C LYS A 28 2.53 -19.75 1.87
N GLY A 29 3.27 -20.82 1.58
CA GLY A 29 2.85 -22.19 1.85
C GLY A 29 3.26 -22.68 3.22
N CYS A 35 6.56 -22.20 -2.02
CA CYS A 35 5.81 -21.03 -2.46
C CYS A 35 4.27 -21.22 -2.35
N GLY A 36 3.55 -21.42 -3.46
CA GLY A 36 2.11 -21.63 -3.41
C GLY A 36 1.29 -21.24 -4.63
N ASP A 37 -0.04 -21.12 -4.42
CA ASP A 37 -1.03 -20.78 -5.45
C ASP A 37 -1.20 -19.27 -5.62
N ILE A 38 -1.69 -18.84 -6.80
CA ILE A 38 -1.89 -17.44 -7.19
C ILE A 38 -2.88 -16.62 -6.34
N LYS A 39 -2.50 -15.37 -6.03
CA LYS A 39 -3.28 -14.41 -5.28
C LYS A 39 -3.83 -13.37 -6.31
N ARG A 40 -5.15 -13.49 -6.62
CA ARG A 40 -5.91 -12.73 -7.62
C ARG A 40 -5.85 -11.20 -7.54
N GLU A 41 -6.30 -10.62 -6.43
CA GLU A 41 -6.34 -9.18 -6.27
C GLU A 41 -4.99 -8.62 -5.88
N ASN A 42 -4.48 -9.04 -4.72
CA ASN A 42 -3.24 -8.60 -4.11
C ASN A 42 -1.98 -8.86 -4.96
N GLY A 43 -2.02 -9.86 -5.83
CA GLY A 43 -0.88 -10.16 -6.68
C GLY A 43 -1.03 -9.66 -8.10
N ILE A 44 -1.97 -10.25 -8.85
CA ILE A 44 -2.27 -9.93 -10.25
C ILE A 44 -2.76 -8.49 -10.46
N HIS A 45 -3.82 -8.02 -9.75
CA HIS A 45 -4.29 -6.64 -9.97
C HIS A 45 -3.19 -5.66 -9.67
N ARG A 46 -2.56 -5.82 -8.49
CA ARG A 46 -1.49 -4.96 -8.00
C ARG A 46 -0.29 -4.90 -8.93
N LEU A 47 0.17 -6.04 -9.48
CA LEU A 47 1.29 -6.00 -10.42
C LEU A 47 0.90 -5.39 -11.75
N GLU A 48 -0.32 -5.74 -12.26
CA GLU A 48 -0.89 -5.26 -13.52
C GLU A 48 -1.12 -3.76 -13.50
N ALA A 49 -1.35 -3.21 -12.28
CA ALA A 49 -1.49 -1.78 -12.03
C ALA A 49 -0.13 -1.10 -12.24
N MET A 50 0.99 -1.78 -11.93
CA MET A 50 2.33 -1.24 -12.16
C MET A 50 2.62 -1.30 -13.66
N LEU A 51 2.07 -2.32 -14.34
CA LEU A 51 2.23 -2.47 -15.78
C LEU A 51 1.35 -1.43 -16.46
N TYR A 52 0.12 -1.25 -15.99
CA TYR A 52 -0.80 -0.22 -16.50
C TYR A 52 -0.20 1.18 -16.33
N ALA A 53 0.39 1.47 -15.15
CA ALA A 53 1.03 2.74 -14.84
C ALA A 53 2.16 2.99 -15.81
N LEU A 54 3.01 1.97 -16.05
CA LEU A 54 4.14 2.05 -16.97
C LEU A 54 3.70 2.21 -18.41
N ASP A 55 2.52 1.67 -18.76
CA ASP A 55 1.89 1.79 -20.08
C ASP A 55 1.43 3.22 -20.27
N GLN A 56 0.86 3.84 -19.19
CA GLN A 56 0.38 5.23 -19.15
C GLN A 56 1.52 6.21 -19.32
N ILE A 57 2.57 6.06 -18.48
CA ILE A 57 3.77 6.89 -18.50
C ILE A 57 4.45 6.79 -19.88
N ASN A 58 4.53 5.56 -20.45
CA ASN A 58 5.18 5.32 -21.74
C ASN A 58 4.31 5.61 -22.99
N SER A 59 3.16 6.26 -22.80
CA SER A 59 2.21 6.70 -23.82
C SER A 59 2.15 8.23 -23.69
N ASP A 60 2.60 8.72 -22.52
CA ASP A 60 2.60 10.12 -22.11
C ASP A 60 3.80 10.90 -22.67
N PRO A 61 3.57 11.94 -23.48
CA PRO A 61 4.70 12.76 -23.97
C PRO A 61 5.20 13.76 -22.92
N ASN A 62 4.34 14.08 -21.91
CA ASN A 62 4.57 15.05 -20.81
C ASN A 62 5.54 14.54 -19.76
N LEU A 63 5.54 13.23 -19.46
CA LEU A 63 6.41 12.61 -18.45
C LEU A 63 7.37 11.61 -19.12
N LEU A 64 8.71 11.82 -18.90
CA LEU A 64 9.83 11.04 -19.45
C LEU A 64 9.67 10.98 -20.98
N PRO A 65 10.08 12.06 -21.71
CA PRO A 65 9.82 12.10 -23.16
C PRO A 65 10.55 11.07 -24.03
N ASN A 66 11.89 11.02 -23.97
CA ASN A 66 12.69 10.05 -24.74
C ASN A 66 13.37 9.04 -23.80
N VAL A 67 12.64 8.67 -22.73
CA VAL A 67 13.05 7.71 -21.70
C VAL A 67 11.90 6.73 -21.46
N THR A 68 12.11 5.46 -21.82
CA THR A 68 11.14 4.40 -21.62
C THR A 68 11.43 3.79 -20.25
N LEU A 69 10.40 3.71 -19.40
CA LEU A 69 10.55 3.14 -18.07
C LEU A 69 10.37 1.63 -18.19
N GLY A 70 11.42 0.90 -17.84
CA GLY A 70 11.41 -0.56 -17.87
C GLY A 70 11.01 -1.13 -16.52
N ALA A 71 10.81 -2.46 -16.49
CA ALA A 71 10.47 -3.14 -15.24
C ALA A 71 11.01 -4.56 -15.11
N ARG A 72 11.45 -4.88 -13.91
CA ARG A 72 11.85 -6.22 -13.54
C ARG A 72 10.88 -6.49 -12.42
N ILE A 73 9.81 -7.24 -12.69
CA ILE A 73 8.79 -7.52 -11.68
C ILE A 73 8.93 -8.93 -11.20
N LEU A 74 9.09 -9.07 -9.88
CA LEU A 74 9.33 -10.37 -9.26
C LEU A 74 8.27 -10.71 -8.24
N ASP A 75 7.92 -12.00 -8.17
CA ASP A 75 7.00 -12.51 -7.20
C ASP A 75 7.77 -12.64 -5.87
N THR A 76 7.09 -12.34 -4.75
CA THR A 76 7.69 -12.43 -3.42
C THR A 76 7.29 -13.73 -2.73
N CYS A 77 6.21 -14.41 -3.22
CA CYS A 77 5.58 -15.61 -2.68
C CYS A 77 5.08 -15.36 -1.24
N SER A 78 4.80 -14.07 -0.89
CA SER A 78 4.35 -13.59 0.43
C SER A 78 5.28 -14.01 1.61
N ARG A 79 6.54 -14.40 1.28
CA ARG A 79 7.55 -14.84 2.26
C ARG A 79 8.77 -13.96 2.10
N ASP A 80 9.18 -13.28 3.19
CA ASP A 80 10.31 -12.34 3.25
C ASP A 80 11.65 -12.90 2.84
N THR A 81 11.88 -14.20 3.07
CA THR A 81 13.14 -14.84 2.71
C THR A 81 13.21 -15.06 1.20
N TYR A 82 12.09 -15.49 0.58
CA TYR A 82 12.00 -15.70 -0.86
C TYR A 82 12.25 -14.35 -1.57
N ALA A 83 11.65 -13.26 -1.04
CA ALA A 83 11.79 -11.88 -1.53
C ALA A 83 13.23 -11.33 -1.44
N LEU A 84 13.96 -11.72 -0.38
CA LEU A 84 15.33 -11.27 -0.18
C LEU A 84 16.23 -11.87 -1.28
N GLU A 85 15.98 -13.13 -1.65
CA GLU A 85 16.72 -13.81 -2.70
C GLU A 85 16.31 -13.27 -4.07
N GLN A 86 15.06 -12.76 -4.17
CA GLN A 86 14.53 -12.13 -5.38
C GLN A 86 15.20 -10.76 -5.57
N SER A 87 15.26 -9.94 -4.50
CA SER A 87 15.91 -8.62 -4.47
C SER A 87 17.31 -8.62 -5.07
N LEU A 88 18.04 -9.74 -4.98
CA LEU A 88 19.38 -9.82 -5.57
C LEU A 88 19.38 -9.52 -7.06
N THR A 89 18.26 -9.83 -7.73
CA THR A 89 18.03 -9.57 -9.14
C THR A 89 18.21 -8.09 -9.40
N PHE A 90 17.72 -7.21 -8.48
CA PHE A 90 17.85 -5.75 -8.56
C PHE A 90 19.29 -5.24 -8.41
N VAL A 91 20.24 -6.11 -8.00
CA VAL A 91 21.66 -5.75 -7.80
C VAL A 91 22.66 -6.60 -8.65
N GLN A 92 22.14 -7.37 -9.64
CA GLN A 92 22.95 -8.20 -10.56
C GLN A 92 24.06 -7.39 -11.23
N ALA A 93 23.72 -6.15 -11.67
CA ALA A 93 24.63 -5.21 -12.34
C ALA A 93 25.85 -4.84 -11.50
N LEU A 94 25.80 -5.12 -10.19
CA LEU A 94 26.91 -4.84 -9.28
C LEU A 94 27.82 -6.04 -9.13
N ILE A 95 27.34 -7.22 -9.53
CA ILE A 95 28.14 -8.45 -9.49
C ILE A 95 29.15 -8.43 -10.64
N GLN A 96 30.42 -8.74 -10.33
CA GLN A 96 31.50 -8.79 -11.32
C GLN A 96 31.28 -9.99 -12.24
N LYS A 97 31.72 -9.88 -13.50
CA LYS A 97 31.59 -10.96 -14.47
C LYS A 97 32.98 -11.55 -14.76
N ASP A 98 33.14 -12.87 -14.52
CA ASP A 98 34.38 -13.63 -14.73
C ASP A 98 34.11 -15.15 -14.88
N THR A 99 32.88 -15.59 -14.59
CA THR A 99 32.44 -16.99 -14.67
C THR A 99 31.74 -17.29 -16.00
N LYS A 114 23.41 -8.36 -21.68
CA LYS A 114 22.21 -7.51 -21.57
C LYS A 114 22.06 -6.82 -20.19
N PRO A 115 22.98 -5.89 -19.78
CA PRO A 115 22.87 -5.28 -18.44
C PRO A 115 21.70 -4.31 -18.28
N GLU A 116 21.21 -4.17 -17.03
CA GLU A 116 20.10 -3.29 -16.69
C GLU A 116 20.34 -2.63 -15.32
N LYS A 117 19.97 -1.34 -15.18
CA LYS A 117 20.14 -0.65 -13.90
C LYS A 117 18.81 -0.38 -13.23
N VAL A 118 18.56 -1.12 -12.14
CA VAL A 118 17.35 -0.96 -11.35
C VAL A 118 17.61 0.26 -10.46
N VAL A 119 16.97 1.40 -10.81
CA VAL A 119 17.10 2.68 -10.11
C VAL A 119 16.27 2.76 -8.82
N GLY A 120 15.13 2.07 -8.81
CA GLY A 120 14.22 2.02 -7.69
C GLY A 120 13.32 0.80 -7.65
N VAL A 121 12.72 0.55 -6.49
CA VAL A 121 11.86 -0.62 -6.30
C VAL A 121 10.49 -0.20 -5.79
N ILE A 122 9.45 -0.72 -6.43
CA ILE A 122 8.05 -0.48 -6.08
C ILE A 122 7.63 -1.74 -5.34
N GLY A 123 7.47 -1.60 -4.03
CA GLY A 123 7.10 -2.68 -3.11
C GLY A 123 7.74 -2.57 -1.73
N ALA A 124 7.50 -3.52 -0.85
CA ALA A 124 6.68 -4.70 -1.14
C ALA A 124 5.24 -4.53 -0.61
N SER A 125 4.49 -5.63 -0.58
CA SER A 125 3.13 -5.75 -0.07
C SER A 125 3.30 -6.74 1.07
N GLY A 126 2.98 -6.25 2.27
CA GLY A 126 3.20 -7.01 3.50
C GLY A 126 4.46 -6.45 4.12
N SER A 127 4.28 -5.70 5.23
CA SER A 127 5.34 -5.01 5.98
C SER A 127 6.57 -5.80 6.33
N SER A 128 6.44 -7.08 6.70
CA SER A 128 7.61 -7.89 7.07
C SER A 128 8.51 -8.08 5.84
N VAL A 129 7.88 -8.30 4.66
CA VAL A 129 8.58 -8.44 3.38
C VAL A 129 9.36 -7.14 3.08
N SER A 130 8.68 -5.98 3.14
CA SER A 130 9.30 -4.65 2.95
C SER A 130 10.49 -4.40 3.90
N ILE A 131 10.37 -4.81 5.19
CA ILE A 131 11.41 -4.62 6.19
C ILE A 131 12.69 -5.34 5.76
N MET A 132 12.57 -6.63 5.38
CA MET A 132 13.64 -7.50 4.92
C MET A 132 14.28 -6.90 3.68
N VAL A 133 13.45 -6.45 2.74
CA VAL A 133 13.85 -5.83 1.48
C VAL A 133 14.54 -4.49 1.75
N ALA A 134 14.06 -3.70 2.74
CA ALA A 134 14.67 -2.42 3.10
C ALA A 134 16.07 -2.64 3.62
N ASN A 135 16.24 -3.70 4.45
CA ASN A 135 17.53 -4.09 5.03
C ASN A 135 18.62 -4.32 3.99
N ILE A 136 18.26 -4.87 2.80
CA ILE A 136 19.22 -5.06 1.71
C ILE A 136 19.40 -3.81 0.82
N LEU A 137 18.28 -3.21 0.35
CA LEU A 137 18.32 -2.03 -0.53
C LEU A 137 19.06 -0.83 0.07
N ARG A 138 18.94 -0.62 1.39
CA ARG A 138 19.59 0.39 2.21
C ARG A 138 21.13 0.39 1.94
N LEU A 139 21.73 -0.81 1.98
CA LEU A 139 23.15 -1.06 1.79
C LEU A 139 23.66 -0.62 0.43
N PHE A 140 22.86 -0.89 -0.62
CA PHE A 140 23.15 -0.59 -2.02
C PHE A 140 22.56 0.74 -2.53
N GLN A 141 22.05 1.56 -1.59
CA GLN A 141 21.49 2.90 -1.82
C GLN A 141 20.47 2.89 -2.94
N ILE A 142 19.49 1.97 -2.85
CA ILE A 142 18.44 1.86 -3.87
C ILE A 142 17.06 2.20 -3.26
N PRO A 143 16.46 3.36 -3.66
CA PRO A 143 15.17 3.76 -3.09
C PRO A 143 14.04 2.79 -3.29
N GLN A 144 13.16 2.74 -2.28
CA GLN A 144 11.97 1.89 -2.19
C GLN A 144 10.75 2.73 -1.91
N ILE A 145 9.61 2.29 -2.46
CA ILE A 145 8.30 2.89 -2.29
C ILE A 145 7.25 1.80 -2.15
N SER A 146 6.74 1.60 -0.93
CA SER A 146 5.68 0.63 -0.79
C SER A 146 4.31 1.26 -0.98
N TYR A 147 3.43 0.46 -1.56
CA TYR A 147 2.06 0.79 -1.89
C TYR A 147 1.08 0.14 -0.91
N ALA A 148 1.56 -0.77 -0.02
CA ALA A 148 0.68 -1.51 0.89
C ALA A 148 1.19 -1.77 2.29
N SER A 149 2.52 -1.73 2.51
CA SER A 149 3.14 -1.97 3.82
C SER A 149 2.84 -0.81 4.75
N THR A 150 2.03 -1.10 5.79
CA THR A 150 1.49 -0.13 6.75
C THR A 150 2.11 -0.10 8.16
N ALA A 151 3.00 -1.07 8.50
CA ALA A 151 3.65 -1.18 9.82
C ALA A 151 4.31 0.08 10.38
N PRO A 152 4.11 0.37 11.70
CA PRO A 152 4.73 1.57 12.28
C PRO A 152 6.24 1.50 12.45
N GLU A 153 6.84 0.27 12.43
CA GLU A 153 8.30 0.06 12.57
C GLU A 153 9.02 0.81 11.44
N LEU A 154 8.46 0.68 10.20
CA LEU A 154 8.93 1.26 8.93
C LEU A 154 9.07 2.79 8.91
N SER A 155 8.54 3.46 9.94
CA SER A 155 8.60 4.91 10.06
C SER A 155 9.95 5.44 10.61
N ASP A 156 10.90 4.52 10.92
CA ASP A 156 12.23 4.84 11.47
C ASP A 156 13.23 5.21 10.34
N ASP A 157 13.08 6.44 9.79
CA ASP A 157 13.92 6.98 8.69
C ASP A 157 15.45 6.81 8.82
N ARG A 158 15.97 6.43 10.01
CA ARG A 158 17.40 6.17 10.21
C ARG A 158 17.68 4.69 9.86
N ARG A 159 16.95 3.77 10.54
CA ARG A 159 17.01 2.31 10.35
C ARG A 159 16.58 1.96 8.93
N TYR A 160 15.49 2.57 8.44
CA TYR A 160 14.99 2.28 7.10
C TYR A 160 15.23 3.48 6.18
N ASP A 161 16.48 3.98 6.23
CA ASP A 161 17.11 5.08 5.50
C ASP A 161 16.57 5.36 4.10
N PHE A 162 16.34 4.32 3.28
CA PHE A 162 15.89 4.47 1.89
C PHE A 162 14.43 4.14 1.62
N PHE A 163 13.66 3.84 2.68
CA PHE A 163 12.25 3.49 2.56
C PHE A 163 11.34 4.71 2.66
N SER A 164 10.35 4.73 1.78
CA SER A 164 9.29 5.70 1.64
C SER A 164 8.07 4.87 1.27
N ARG A 165 6.89 5.42 1.49
CA ARG A 165 5.65 4.71 1.17
C ARG A 165 4.55 5.67 0.80
N VAL A 166 3.60 5.23 -0.05
CA VAL A 166 2.43 6.04 -0.46
C VAL A 166 1.18 5.75 0.39
N VAL A 167 1.32 4.82 1.34
CA VAL A 167 0.25 4.51 2.29
C VAL A 167 0.69 5.08 3.64
N PRO A 168 -0.23 5.64 4.46
CA PRO A 168 0.22 6.20 5.73
C PRO A 168 0.40 5.10 6.77
N PRO A 169 1.36 5.22 7.71
CA PRO A 169 1.49 4.18 8.75
C PRO A 169 0.22 4.09 9.59
N ASP A 170 -0.14 2.88 10.03
CA ASP A 170 -1.34 2.66 10.85
C ASP A 170 -1.37 3.52 12.14
N SER A 171 -0.23 4.15 12.49
CA SER A 171 -0.05 5.04 13.63
C SER A 171 -0.88 6.31 13.49
N PHE A 172 -1.07 6.78 12.24
CA PHE A 172 -1.85 7.98 11.97
C PHE A 172 -3.34 7.77 12.25
N GLN A 173 -3.82 6.52 12.13
CA GLN A 173 -5.20 6.10 12.40
C GLN A 173 -5.48 6.26 13.89
N ALA A 174 -4.53 5.77 14.73
CA ALA A 174 -4.59 5.85 16.18
C ALA A 174 -4.49 7.29 16.65
N GLN A 175 -3.56 8.10 16.07
CA GLN A 175 -3.40 9.53 16.38
C GLN A 175 -4.73 10.29 16.13
N ALA A 176 -5.42 9.96 15.01
CA ALA A 176 -6.72 10.52 14.65
C ALA A 176 -7.80 10.11 15.68
N MET A 177 -7.69 8.88 16.22
CA MET A 177 -8.59 8.32 17.23
C MET A 177 -8.45 9.02 18.58
N VAL A 178 -7.21 9.44 18.93
CA VAL A 178 -6.91 10.19 20.15
C VAL A 178 -7.64 11.55 20.05
N ASP A 179 -7.44 12.24 18.91
CA ASP A 179 -8.04 13.53 18.56
C ASP A 179 -9.57 13.49 18.63
N ILE A 180 -10.21 12.39 18.13
CA ILE A 180 -11.66 12.21 18.17
C ILE A 180 -12.13 12.16 19.63
N VAL A 181 -11.56 11.21 20.41
CA VAL A 181 -11.83 11.00 21.84
C VAL A 181 -11.70 12.33 22.62
N LYS A 182 -10.50 12.95 22.56
CA LYS A 182 -10.16 14.22 23.22
C LYS A 182 -11.11 15.37 22.89
N ALA A 183 -11.51 15.51 21.60
CA ALA A 183 -12.45 16.57 21.16
C ALA A 183 -13.84 16.30 21.71
N LEU A 184 -14.19 15.00 21.86
CA LEU A 184 -15.47 14.54 22.40
C LEU A 184 -15.46 14.51 23.94
N GLY A 185 -14.26 14.60 24.51
CA GLY A 185 -14.00 14.60 25.94
C GLY A 185 -14.34 13.31 26.65
N TRP A 186 -13.99 12.16 26.05
CA TRP A 186 -14.27 10.83 26.63
C TRP A 186 -13.49 10.60 27.93
N ASN A 187 -12.17 10.95 27.94
CA ASN A 187 -11.24 10.86 29.08
C ASN A 187 -10.88 9.42 29.51
N TYR A 188 -11.86 8.68 30.05
CA TYR A 188 -11.69 7.30 30.50
C TYR A 188 -12.30 6.34 29.47
N VAL A 189 -11.45 5.85 28.55
CA VAL A 189 -11.88 4.94 27.49
C VAL A 189 -11.21 3.57 27.59
N SER A 190 -11.99 2.52 27.28
CA SER A 190 -11.54 1.13 27.28
C SER A 190 -11.15 0.73 25.83
N THR A 191 -10.05 -0.05 25.66
CA THR A 191 -9.62 -0.46 24.31
C THR A 191 -9.94 -1.93 24.06
N LEU A 192 -10.72 -2.21 22.99
CA LEU A 192 -11.09 -3.57 22.61
C LEU A 192 -10.46 -3.92 21.27
N GLY A 196 -3.26 -10.35 17.49
CA GLY A 196 -2.27 -10.37 16.42
C GLY A 196 -1.34 -9.17 16.40
N SER A 197 -0.45 -9.11 15.39
CA SER A 197 0.53 -8.04 15.18
C SER A 197 -0.10 -6.66 14.97
N TYR A 198 -1.29 -6.60 14.33
CA TYR A 198 -2.00 -5.36 14.06
C TYR A 198 -2.78 -4.86 15.27
N GLY A 199 -3.66 -5.71 15.80
CA GLY A 199 -4.52 -5.43 16.95
C GLY A 199 -3.82 -4.75 18.10
N GLU A 200 -2.66 -5.28 18.50
CA GLU A 200 -1.83 -4.75 19.58
C GLU A 200 -1.18 -3.41 19.21
N LYS A 201 -0.56 -3.33 18.01
CA LYS A 201 0.14 -2.14 17.50
C LYS A 201 -0.72 -0.87 17.52
N GLY A 202 -2.03 -1.05 17.34
CA GLY A 202 -3.00 0.04 17.38
C GLY A 202 -3.20 0.53 18.79
N VAL A 203 -3.41 -0.43 19.72
CA VAL A 203 -3.60 -0.19 21.16
C VAL A 203 -2.30 0.41 21.74
N GLU A 204 -1.13 -0.01 21.23
CA GLU A 204 0.18 0.49 21.65
C GLU A 204 0.37 1.96 21.23
N SER A 205 0.01 2.29 19.97
CA SER A 205 0.11 3.64 19.41
C SER A 205 -0.90 4.59 20.06
N PHE A 206 -2.09 4.08 20.41
CA PHE A 206 -3.15 4.84 21.05
C PHE A 206 -2.77 5.23 22.49
N THR A 207 -2.21 4.28 23.26
CA THR A 207 -1.76 4.50 24.65
C THR A 207 -0.55 5.44 24.71
N GLN A 208 0.31 5.41 23.66
CA GLN A 208 1.53 6.22 23.56
C GLN A 208 1.24 7.72 23.44
N ILE A 209 0.12 8.10 22.79
CA ILE A 209 -0.25 9.51 22.60
C ILE A 209 -0.91 10.14 23.84
N SER A 210 -0.10 10.92 24.60
CA SER A 210 -0.55 11.59 25.82
C SER A 210 -0.03 13.02 25.91
N GLY A 214 -2.93 16.73 25.59
CA GLY A 214 -2.57 15.57 26.39
C GLY A 214 -2.90 15.74 27.87
N GLY A 215 -3.47 14.72 28.51
CA GLY A 215 -3.80 13.42 27.90
C GLY A 215 -5.07 12.78 28.43
N LEU A 216 -5.21 11.46 28.21
CA LEU A 216 -6.35 10.65 28.62
C LEU A 216 -5.87 9.31 29.19
N SER A 217 -6.71 8.66 30.02
CA SER A 217 -6.39 7.40 30.67
C SER A 217 -7.17 6.21 30.10
N ILE A 218 -6.51 5.05 30.00
CA ILE A 218 -7.11 3.81 29.50
C ILE A 218 -7.51 2.90 30.66
N ALA A 219 -8.79 2.49 30.70
CA ALA A 219 -9.36 1.63 31.74
C ALA A 219 -9.05 0.14 31.46
N GLN A 220 -10.08 -0.67 31.13
CA GLN A 220 -9.92 -2.10 30.83
C GLN A 220 -9.50 -2.27 29.36
N SER A 221 -8.34 -2.92 29.13
CA SER A 221 -7.82 -3.16 27.78
C SER A 221 -7.96 -4.64 27.40
N VAL A 222 -9.21 -5.12 27.35
CA VAL A 222 -9.55 -6.51 27.02
C VAL A 222 -9.23 -6.90 25.59
N ARG A 223 -8.73 -8.14 25.40
CA ARG A 223 -8.32 -8.69 24.10
C ARG A 223 -9.27 -9.75 23.52
N ILE A 224 -9.27 -9.90 22.18
CA ILE A 224 -10.09 -10.86 21.44
C ILE A 224 -9.25 -11.57 20.35
N PRO A 225 -8.75 -12.81 20.62
CA PRO A 225 -7.93 -13.50 19.61
C PRO A 225 -8.74 -14.39 18.65
N GLN A 226 -8.05 -15.18 17.80
CA GLN A 226 -8.68 -16.10 16.84
C GLN A 226 -9.25 -17.32 17.56
N GLU A 227 -10.42 -17.81 17.08
CA GLU A 227 -11.19 -18.96 17.61
C GLU A 227 -11.62 -18.72 19.05
N ASP A 234 -15.51 -15.79 24.43
CA ASP A 234 -16.27 -15.16 25.50
C ASP A 234 -17.78 -15.23 25.26
N PHE A 235 -18.23 -14.91 24.02
CA PHE A 235 -19.62 -14.89 23.56
C PHE A 235 -20.54 -13.96 24.38
N ASP A 236 -20.62 -12.68 23.96
CA ASP A 236 -21.38 -11.58 24.58
C ASP A 236 -20.91 -11.12 25.98
N ARG A 237 -20.00 -11.88 26.61
CA ARG A 237 -19.43 -11.59 27.94
C ARG A 237 -18.57 -10.32 27.92
N ILE A 238 -17.72 -10.16 26.89
CA ILE A 238 -16.84 -9.01 26.71
C ILE A 238 -17.65 -7.74 26.38
N ILE A 239 -18.75 -7.91 25.62
CA ILE A 239 -19.67 -6.83 25.24
C ILE A 239 -20.45 -6.34 26.46
N LYS A 240 -20.87 -7.26 27.34
CA LYS A 240 -21.59 -6.96 28.58
C LYS A 240 -20.70 -6.22 29.57
N GLN A 241 -19.40 -6.55 29.59
CA GLN A 241 -18.41 -5.91 30.45
C GLN A 241 -17.76 -4.73 29.73
N LEU A 242 -18.46 -3.58 29.71
CA LEU A 242 -18.03 -2.35 29.07
C LEU A 242 -17.50 -1.33 30.10
N LEU A 243 -16.45 -1.75 30.85
CA LEU A 243 -15.76 -0.99 31.91
C LEU A 243 -16.59 -0.63 33.15
N ASP A 244 -17.66 0.20 32.99
CA ASP A 244 -18.57 0.66 34.05
C ASP A 244 -17.85 1.46 35.15
N THR A 245 -17.34 2.65 34.80
CA THR A 245 -16.63 3.56 35.71
C THR A 245 -16.82 5.01 35.28
N ALA A 250 -16.69 5.13 26.92
CA ALA A 250 -16.37 4.91 25.51
C ALA A 250 -15.43 3.72 25.28
N VAL A 251 -15.66 2.98 24.17
CA VAL A 251 -14.88 1.81 23.77
C VAL A 251 -14.13 2.10 22.45
N VAL A 252 -12.78 2.15 22.52
CA VAL A 252 -11.89 2.40 21.37
C VAL A 252 -11.47 1.05 20.78
N ILE A 253 -12.26 0.56 19.83
CA ILE A 253 -12.07 -0.73 19.17
C ILE A 253 -11.00 -0.68 18.09
N PHE A 254 -9.98 -1.54 18.22
CA PHE A 254 -8.90 -1.68 17.25
C PHE A 254 -8.95 -3.06 16.59
N ALA A 255 -10.19 -3.61 16.41
CA ALA A 255 -10.43 -4.93 15.82
C ALA A 255 -10.88 -4.87 14.36
N ASN A 256 -10.03 -5.40 13.46
CA ASN A 256 -10.23 -5.46 12.01
C ASN A 256 -10.38 -6.93 11.57
N ASP A 257 -11.28 -7.26 10.62
CA ASP A 257 -12.22 -6.37 9.91
C ASP A 257 -13.66 -6.90 10.06
N GLU A 258 -13.79 -8.23 10.26
CA GLU A 258 -15.07 -8.93 10.47
C GLU A 258 -15.36 -9.04 11.96
N ASP A 259 -14.33 -8.73 12.79
CA ASP A 259 -14.40 -8.73 14.25
C ASP A 259 -15.34 -7.62 14.77
N ILE A 260 -15.40 -6.48 14.04
CA ILE A 260 -16.25 -5.33 14.36
C ILE A 260 -17.75 -5.67 14.34
N LYS A 261 -18.18 -6.46 13.34
CA LYS A 261 -19.57 -6.91 13.16
C LYS A 261 -20.02 -7.87 14.27
N GLN A 262 -19.07 -8.62 14.86
CA GLN A 262 -19.31 -9.58 15.93
C GLN A 262 -19.71 -8.93 17.26
N ILE A 263 -19.15 -7.74 17.56
CA ILE A 263 -19.40 -6.99 18.79
C ILE A 263 -20.84 -6.45 18.86
N LEU A 264 -21.29 -5.76 17.79
CA LEU A 264 -22.63 -5.17 17.67
C LEU A 264 -23.72 -6.23 17.63
N HIS A 275 -26.56 2.09 24.68
CA HIS A 275 -26.30 2.59 26.03
C HIS A 275 -24.94 3.30 26.14
N PHE A 276 -23.88 2.67 25.56
CA PHE A 276 -22.51 3.19 25.59
C PHE A 276 -21.99 3.55 24.21
N LEU A 277 -20.97 4.44 24.15
CA LEU A 277 -20.35 4.91 22.91
C LEU A 277 -19.24 3.96 22.43
N TRP A 278 -19.14 3.77 21.10
CA TRP A 278 -18.15 2.89 20.49
C TRP A 278 -17.43 3.58 19.31
N VAL A 279 -16.08 3.57 19.33
CA VAL A 279 -15.23 4.19 18.31
C VAL A 279 -14.32 3.09 17.71
N GLY A 280 -14.64 2.62 16.49
CA GLY A 280 -13.91 1.51 15.87
C GLY A 280 -13.27 1.70 14.52
N SER A 281 -11.98 1.29 14.40
CA SER A 281 -11.18 1.34 13.17
C SER A 281 -11.05 -0.07 12.58
N GLU A 299 -26.08 1.87 17.96
CA GLU A 299 -26.29 3.18 17.36
C GLU A 299 -25.21 4.19 17.75
N GLY A 300 -25.11 5.27 16.95
CA GLY A 300 -24.18 6.38 17.12
C GLY A 300 -22.70 6.04 17.20
N ALA A 301 -22.30 4.87 16.68
CA ALA A 301 -20.90 4.44 16.68
C ALA A 301 -20.13 5.26 15.66
N ILE A 302 -18.85 5.55 15.96
CA ILE A 302 -17.96 6.34 15.11
C ILE A 302 -16.89 5.46 14.47
N THR A 303 -16.72 5.56 13.14
CA THR A 303 -15.69 4.82 12.42
C THR A 303 -14.71 5.77 11.72
N ILE A 304 -13.45 5.39 11.67
CA ILE A 304 -12.42 6.15 10.97
C ILE A 304 -12.03 5.31 9.75
N GLN A 305 -12.14 5.90 8.55
CA GLN A 305 -11.91 5.17 7.30
C GLN A 305 -10.94 5.89 6.39
N PRO A 306 -10.09 5.15 5.63
CA PRO A 306 -9.22 5.84 4.65
C PRO A 306 -10.02 6.35 3.46
N LYS A 307 -9.54 7.42 2.82
CA LYS A 307 -10.19 7.98 1.65
C LYS A 307 -9.78 7.11 0.43
N ARG A 308 -10.69 6.19 0.04
CA ARG A 308 -10.50 5.21 -1.04
C ARG A 308 -11.10 5.62 -2.39
N ALA A 309 -10.50 5.13 -3.49
CA ALA A 309 -10.96 5.44 -4.83
C ALA A 309 -10.64 4.36 -5.87
N THR A 310 -11.41 4.38 -6.96
CA THR A 310 -11.31 3.50 -8.12
C THR A 310 -10.61 4.25 -9.27
N VAL A 311 -9.69 3.54 -9.95
CA VAL A 311 -9.02 4.04 -11.13
C VAL A 311 -9.73 3.35 -12.30
N GLU A 312 -10.77 4.01 -12.81
CA GLU A 312 -11.60 3.52 -13.93
C GLU A 312 -10.73 3.13 -15.14
N GLY A 313 -9.72 3.96 -15.45
CA GLY A 313 -8.76 3.70 -16.51
C GLY A 313 -8.18 2.30 -16.45
N PHE A 314 -7.81 1.87 -15.22
CA PHE A 314 -7.28 0.52 -15.00
C PHE A 314 -8.34 -0.59 -15.17
N ASP A 315 -9.62 -0.32 -14.78
CA ASP A 315 -10.67 -1.32 -14.92
C ASP A 315 -10.89 -1.74 -16.36
N ALA A 316 -10.90 -0.78 -17.30
CA ALA A 316 -11.04 -1.10 -18.71
C ALA A 316 -9.85 -1.95 -19.17
N TYR A 317 -8.64 -1.62 -18.70
CA TYR A 317 -7.41 -2.36 -18.99
C TYR A 317 -7.46 -3.84 -18.55
N PHE A 318 -7.64 -4.13 -17.23
CA PHE A 318 -7.72 -5.50 -16.70
C PHE A 318 -8.87 -6.34 -17.27
N THR A 319 -10.07 -5.73 -17.44
CA THR A 319 -11.28 -6.39 -17.99
C THR A 319 -10.99 -6.90 -19.40
N SER A 320 -10.33 -6.06 -20.23
CA SER A 320 -9.95 -6.40 -21.60
C SER A 320 -8.81 -7.41 -21.70
N ARG A 321 -8.21 -7.82 -20.55
CA ARG A 321 -7.09 -8.77 -20.56
C ARG A 321 -7.50 -10.21 -20.85
N THR A 322 -6.99 -10.75 -21.96
CA THR A 322 -7.22 -12.13 -22.40
C THR A 322 -5.87 -12.83 -22.47
N LEU A 323 -5.86 -14.15 -22.70
CA LEU A 323 -4.64 -14.95 -22.82
C LEU A 323 -3.81 -14.54 -24.05
N GLU A 324 -4.48 -14.10 -25.12
CA GLU A 324 -3.88 -13.70 -26.39
C GLU A 324 -3.13 -12.36 -26.32
N ASN A 325 -3.72 -11.36 -25.64
CA ASN A 325 -3.16 -10.01 -25.51
C ASN A 325 -2.25 -9.78 -24.29
N ASN A 326 -2.19 -10.76 -23.37
CA ASN A 326 -1.42 -10.58 -22.14
C ASN A 326 -0.36 -11.68 -21.86
N ARG A 327 0.40 -12.06 -22.91
CA ARG A 327 1.46 -13.07 -22.79
C ARG A 327 2.70 -12.57 -22.02
N ARG A 328 2.80 -11.23 -21.78
CA ARG A 328 3.90 -10.62 -21.01
C ARG A 328 3.80 -10.94 -19.51
N ASN A 329 2.58 -11.19 -19.01
CA ASN A 329 2.35 -11.55 -17.62
C ASN A 329 2.44 -13.07 -17.51
N VAL A 330 3.61 -13.55 -17.11
CA VAL A 330 4.01 -14.94 -16.93
C VAL A 330 3.05 -15.70 -15.96
N TRP A 331 2.34 -14.96 -15.11
CA TRP A 331 1.42 -15.53 -14.12
C TRP A 331 -0.06 -15.32 -14.49
N PHE A 332 -0.34 -14.78 -15.69
CA PHE A 332 -1.72 -14.50 -16.12
C PHE A 332 -2.50 -15.74 -16.47
N ALA A 333 -1.86 -16.71 -17.16
CA ALA A 333 -2.50 -17.97 -17.54
C ALA A 333 -2.82 -18.74 -16.29
N GLU A 334 -1.97 -18.60 -15.25
CA GLU A 334 -2.14 -19.18 -13.92
C GLU A 334 -3.32 -18.48 -13.23
N TYR A 335 -3.49 -17.14 -13.47
CA TYR A 335 -4.61 -16.34 -12.95
C TYR A 335 -5.92 -16.76 -13.65
N TRP A 336 -5.82 -17.09 -14.96
CA TRP A 336 -6.92 -17.53 -15.81
C TRP A 336 -7.58 -18.81 -15.25
N GLU A 337 -6.77 -19.81 -14.85
CA GLU A 337 -7.25 -21.09 -14.27
C GLU A 337 -8.02 -20.87 -12.96
N GLU A 338 -7.42 -20.10 -12.02
CA GLU A 338 -7.93 -19.80 -10.68
C GLU A 338 -9.34 -19.23 -10.62
N ASN A 339 -9.50 -17.92 -10.92
CA ASN A 339 -10.77 -17.21 -10.87
C ASN A 339 -11.91 -17.78 -11.74
N PHE A 340 -11.59 -18.58 -12.79
CA PHE A 340 -12.57 -19.16 -13.70
C PHE A 340 -12.95 -20.64 -13.42
N ASN A 341 -12.33 -21.27 -12.39
CA ASN A 341 -12.54 -22.69 -11.99
C ASN A 341 -12.36 -23.67 -13.17
N CYS A 342 -11.34 -23.44 -14.00
CA CYS A 342 -11.04 -24.26 -15.19
C CYS A 342 -9.56 -24.62 -15.29
N LYS A 343 -9.19 -25.53 -16.22
CA LYS A 343 -7.81 -25.98 -16.41
C LYS A 343 -7.18 -25.47 -17.73
N LEU A 344 -6.29 -26.27 -18.36
CA LEU A 344 -5.59 -25.97 -19.62
C LEU A 344 -5.19 -27.25 -20.36
N LYS A 357 -12.36 -28.35 -17.31
CA LYS A 357 -12.20 -27.98 -18.71
C LYS A 357 -12.43 -26.49 -18.91
N CYS A 358 -11.57 -25.85 -19.72
CA CYS A 358 -11.64 -24.41 -20.01
C CYS A 358 -11.94 -24.09 -21.48
N THR A 359 -12.22 -22.80 -21.78
CA THR A 359 -12.54 -22.31 -23.11
C THR A 359 -11.45 -21.44 -23.71
N GLY A 360 -10.86 -20.57 -22.89
CA GLY A 360 -9.81 -19.63 -23.29
C GLY A 360 -10.34 -18.50 -24.16
N GLN A 361 -11.66 -18.22 -24.05
CA GLN A 361 -12.37 -17.19 -24.82
C GLN A 361 -13.45 -16.44 -23.98
N GLU A 362 -13.19 -16.29 -22.66
CA GLU A 362 -14.08 -15.61 -21.72
C GLU A 362 -13.57 -14.22 -21.32
N ARG A 363 -14.49 -13.36 -20.80
CA ARG A 363 -14.23 -11.99 -20.38
C ARG A 363 -14.24 -11.87 -18.86
N ILE A 364 -13.20 -11.19 -18.30
CA ILE A 364 -12.99 -11.00 -16.86
C ILE A 364 -14.20 -10.47 -16.08
N GLY A 365 -14.78 -9.36 -16.53
CA GLY A 365 -15.93 -8.76 -15.87
C GLY A 365 -17.26 -9.42 -16.21
N LYS A 366 -17.24 -10.37 -17.15
CA LYS A 366 -18.44 -11.06 -17.60
C LYS A 366 -18.59 -12.47 -17.03
N ASP A 367 -17.54 -13.31 -17.16
CA ASP A 367 -17.56 -14.69 -16.67
C ASP A 367 -17.05 -14.81 -15.21
N SER A 368 -16.97 -13.67 -14.48
CA SER A 368 -16.51 -13.61 -13.07
C SER A 368 -16.93 -12.28 -12.41
N ASN A 369 -16.87 -12.22 -11.07
CA ASN A 369 -17.18 -11.00 -10.31
C ASN A 369 -15.91 -10.15 -10.16
N TYR A 370 -15.82 -9.06 -10.94
CA TYR A 370 -14.67 -8.17 -10.88
C TYR A 370 -14.92 -6.94 -10.02
N GLU A 371 -13.95 -6.62 -9.17
CA GLU A 371 -13.92 -5.48 -8.27
C GLU A 371 -12.45 -5.21 -8.04
N GLN A 372 -12.00 -4.01 -8.41
CA GLN A 372 -10.63 -3.56 -8.32
C GLN A 372 -10.14 -3.51 -6.88
N GLU A 373 -8.98 -4.16 -6.62
CA GLU A 373 -8.29 -4.18 -5.33
C GLU A 373 -8.05 -2.71 -4.88
N GLY A 374 -8.32 -2.45 -3.61
CA GLY A 374 -8.25 -1.14 -2.98
C GLY A 374 -6.93 -0.40 -3.05
N LYS A 375 -5.79 -1.14 -3.02
CA LYS A 375 -4.46 -0.54 -3.06
C LYS A 375 -3.85 -0.41 -4.47
N VAL A 376 -4.64 -0.72 -5.53
CA VAL A 376 -4.25 -0.54 -6.94
C VAL A 376 -3.93 0.97 -7.17
N GLN A 377 -4.78 1.84 -6.59
CA GLN A 377 -4.62 3.29 -6.61
C GLN A 377 -3.20 3.64 -6.07
N PHE A 378 -2.74 2.91 -5.02
CA PHE A 378 -1.43 3.15 -4.41
C PHE A 378 -0.28 2.55 -5.20
N VAL A 379 -0.54 1.54 -6.03
CA VAL A 379 0.47 0.96 -6.92
C VAL A 379 0.83 2.02 -7.95
N ILE A 380 -0.19 2.57 -8.67
CA ILE A 380 -0.07 3.61 -9.70
C ILE A 380 0.64 4.83 -9.13
N ASP A 381 0.18 5.27 -7.94
CA ASP A 381 0.75 6.41 -7.22
C ASP A 381 2.21 6.21 -6.89
N ALA A 382 2.60 4.98 -6.50
CA ALA A 382 3.99 4.62 -6.19
C ALA A 382 4.83 4.72 -7.46
N VAL A 383 4.31 4.17 -8.58
CA VAL A 383 5.00 4.21 -9.86
C VAL A 383 5.16 5.66 -10.35
N TYR A 384 4.07 6.46 -10.36
CA TYR A 384 4.12 7.87 -10.75
C TYR A 384 5.08 8.71 -9.93
N ALA A 385 5.15 8.47 -8.58
CA ALA A 385 6.08 9.16 -7.69
C ALA A 385 7.48 9.06 -8.24
N MET A 386 7.88 7.83 -8.58
CA MET A 386 9.17 7.44 -9.13
C MET A 386 9.40 8.04 -10.53
N ALA A 387 8.34 8.04 -11.39
CA ALA A 387 8.38 8.59 -12.75
C ALA A 387 8.66 10.10 -12.73
N HIS A 388 7.92 10.84 -11.86
CA HIS A 388 8.06 12.28 -11.63
C HIS A 388 9.46 12.58 -11.09
N ALA A 389 9.93 11.80 -10.12
CA ALA A 389 11.27 11.90 -9.54
C ALA A 389 12.34 11.74 -10.64
N LEU A 390 12.15 10.75 -11.55
CA LEU A 390 13.04 10.47 -12.70
C LEU A 390 12.90 11.54 -13.79
N HIS A 391 11.69 12.12 -13.96
CA HIS A 391 11.40 13.19 -14.94
C HIS A 391 12.19 14.48 -14.59
N HIS A 392 12.10 14.91 -13.29
CA HIS A 392 12.79 16.06 -12.73
C HIS A 392 14.31 15.91 -12.86
N MET A 393 14.82 14.71 -12.57
CA MET A 393 16.24 14.39 -12.63
C MET A 393 16.76 14.53 -14.05
N ASN A 394 15.98 14.04 -15.04
CA ASN A 394 16.32 14.08 -16.47
C ASN A 394 16.37 15.50 -17.01
N LYS A 395 15.51 16.37 -16.49
CA LYS A 395 15.42 17.77 -16.90
C LYS A 395 16.63 18.53 -16.39
N ASP A 396 17.08 18.18 -15.17
CA ASP A 396 18.22 18.79 -14.48
C ASP A 396 19.57 18.23 -14.93
N LEU A 397 19.61 17.01 -15.48
CA LEU A 397 20.87 16.36 -15.86
C LEU A 397 21.11 16.07 -17.34
N CYS A 398 20.04 16.00 -18.17
CA CYS A 398 20.12 15.67 -19.61
C CYS A 398 19.60 16.77 -20.52
N ALA A 399 20.20 16.87 -21.73
CA ALA A 399 19.86 17.86 -22.76
C ALA A 399 18.50 17.55 -23.40
N VAL A 404 18.18 9.07 -21.50
CA VAL A 404 19.07 8.84 -20.35
C VAL A 404 20.48 9.11 -20.81
N CYS A 405 21.00 10.28 -20.45
CA CYS A 405 22.37 10.68 -20.78
C CYS A 405 23.32 10.06 -19.72
N PRO A 406 24.63 9.91 -20.00
CA PRO A 406 25.55 9.33 -18.98
C PRO A 406 25.59 10.12 -17.66
N GLU A 407 25.34 11.45 -17.71
CA GLU A 407 25.31 12.35 -16.56
C GLU A 407 24.28 11.87 -15.55
N MET A 408 23.11 11.42 -16.05
CA MET A 408 21.98 10.88 -15.29
C MET A 408 22.31 9.49 -14.74
N GLU A 409 22.92 8.63 -15.57
CA GLU A 409 23.32 7.25 -15.28
C GLU A 409 24.25 7.08 -14.07
N GLN A 410 25.04 8.11 -13.69
CA GLN A 410 26.00 8.04 -12.58
C GLN A 410 25.58 8.86 -11.33
N ALA A 411 24.28 9.18 -11.20
CA ALA A 411 23.76 9.97 -10.08
C ALA A 411 23.59 9.17 -8.78
N GLY A 412 22.97 7.99 -8.87
CA GLY A 412 22.77 7.13 -7.72
C GLY A 412 21.59 7.49 -6.84
N GLY A 413 21.01 6.45 -6.24
CA GLY A 413 19.83 6.49 -5.38
C GLY A 413 19.71 7.57 -4.33
N LYS A 414 20.83 7.99 -3.70
CA LYS A 414 20.71 9.04 -2.68
C LYS A 414 20.26 10.38 -3.29
N LYS A 415 20.64 10.60 -4.56
CA LYS A 415 20.25 11.76 -5.33
C LYS A 415 18.83 11.56 -5.82
N LEU A 416 18.45 10.31 -6.19
CA LEU A 416 17.09 9.96 -6.64
C LEU A 416 16.11 10.06 -5.48
N LEU A 417 16.56 9.79 -4.24
CA LEU A 417 15.75 9.84 -3.03
C LEU A 417 15.26 11.26 -2.80
N LYS A 418 16.18 12.27 -3.01
CA LYS A 418 15.89 13.71 -2.89
C LYS A 418 14.72 14.04 -3.80
N TYR A 419 14.86 13.72 -5.11
CA TYR A 419 13.80 13.88 -6.13
C TYR A 419 12.55 13.07 -5.78
N ILE A 420 12.67 11.91 -5.06
CA ILE A 420 11.50 11.14 -4.64
C ILE A 420 10.79 11.87 -3.52
N ARG A 421 11.53 12.28 -2.48
CA ARG A 421 10.96 12.96 -1.32
C ARG A 421 10.34 14.33 -1.61
N ASN A 422 10.72 14.97 -2.74
CA ASN A 422 10.21 16.29 -3.13
C ASN A 422 8.97 16.24 -4.05
N VAL A 423 8.44 15.01 -4.29
CA VAL A 423 7.25 14.90 -5.13
C VAL A 423 6.06 15.50 -4.42
N ASN A 424 5.24 16.19 -5.21
CA ASN A 424 3.96 16.79 -4.85
C ASN A 424 3.19 16.92 -6.14
N PHE A 425 2.34 15.93 -6.40
CA PHE A 425 1.54 15.84 -7.63
C PHE A 425 0.18 15.18 -7.34
N ASN A 426 -0.81 15.40 -8.22
CA ASN A 426 -2.13 14.79 -8.08
C ASN A 426 -2.06 13.35 -8.51
N GLY A 427 -2.50 12.46 -7.63
CA GLY A 427 -2.51 11.02 -7.85
C GLY A 427 -3.59 10.53 -8.78
N SER A 428 -3.63 9.19 -9.00
CA SER A 428 -4.61 8.50 -9.87
C SER A 428 -6.05 8.64 -9.36
N ALA A 429 -6.21 8.80 -8.03
CA ALA A 429 -7.49 9.00 -7.34
C ALA A 429 -7.91 10.48 -7.36
N GLY A 430 -6.96 11.36 -7.67
CA GLY A 430 -7.18 12.80 -7.72
C GLY A 430 -6.41 13.52 -6.64
N THR A 431 -6.44 12.97 -5.41
CA THR A 431 -5.76 13.49 -4.23
C THR A 431 -4.21 13.62 -4.44
N PRO A 432 -3.56 14.67 -3.90
CA PRO A 432 -2.11 14.82 -4.08
C PRO A 432 -1.27 13.74 -3.42
N VAL A 433 -0.06 13.52 -3.97
CA VAL A 433 0.94 12.54 -3.53
C VAL A 433 2.18 13.29 -3.00
N MET A 434 2.42 13.19 -1.70
CA MET A 434 3.55 13.82 -1.03
C MET A 434 4.09 12.87 0.02
N PHE A 435 5.32 13.14 0.49
CA PHE A 435 5.96 12.36 1.56
C PHE A 435 6.33 13.30 2.69
N ASN A 436 6.18 12.84 3.95
CA ASN A 436 6.56 13.63 5.11
C ASN A 436 8.09 13.59 5.28
N LYS A 437 8.59 13.98 6.46
CA LYS A 437 10.03 13.99 6.76
C LYS A 437 10.63 12.58 6.74
N ASN A 438 9.89 11.60 7.28
CA ASN A 438 10.31 10.19 7.38
C ASN A 438 10.02 9.39 6.09
N GLY A 439 9.43 10.06 5.12
CA GLY A 439 9.09 9.47 3.83
C GLY A 439 7.72 8.81 3.77
N ASP A 440 6.88 9.08 4.76
CA ASP A 440 5.52 8.52 4.81
C ASP A 440 4.52 9.45 4.16
N ALA A 441 3.45 8.85 3.62
CA ALA A 441 2.33 9.56 3.05
C ALA A 441 1.50 10.09 4.23
N PRO A 442 1.03 11.35 4.21
CA PRO A 442 0.20 11.82 5.35
C PRO A 442 -1.15 11.11 5.40
N GLY A 443 -1.67 10.94 6.62
CA GLY A 443 -2.94 10.30 6.88
C GLY A 443 -4.12 11.15 6.42
N ARG A 444 -4.96 10.58 5.57
CA ARG A 444 -6.12 11.24 5.02
C ARG A 444 -7.31 10.30 5.27
N TYR A 445 -8.06 10.60 6.34
CA TYR A 445 -9.18 9.78 6.76
C TYR A 445 -10.50 10.54 6.83
N ASP A 446 -11.61 9.86 6.48
CA ASP A 446 -12.96 10.42 6.59
C ASP A 446 -13.55 9.91 7.90
N ILE A 447 -14.46 10.68 8.52
CA ILE A 447 -15.06 10.29 9.80
C ILE A 447 -16.56 10.12 9.68
N PHE A 448 -17.06 8.95 10.10
CA PHE A 448 -18.49 8.63 10.02
C PHE A 448 -19.08 8.22 11.36
N GLN A 449 -20.35 8.53 11.55
CA GLN A 449 -21.10 8.16 12.76
C GLN A 449 -22.42 7.51 12.35
N TYR A 450 -22.86 6.47 13.10
CA TYR A 450 -24.13 5.79 12.83
C TYR A 450 -25.34 6.69 13.23
N GLN A 451 -25.49 7.81 12.51
CA GLN A 451 -26.52 8.82 12.70
C GLN A 451 -27.70 8.57 11.76
N ASN A 457 -34.56 4.77 7.49
CA ASN A 457 -33.36 4.56 6.69
C ASN A 457 -32.10 5.09 7.42
N PRO A 458 -31.56 4.34 8.41
CA PRO A 458 -30.36 4.83 9.11
C PRO A 458 -29.06 4.53 8.36
N GLY A 459 -27.92 4.78 9.02
CA GLY A 459 -26.60 4.54 8.45
C GLY A 459 -25.53 5.52 8.88
N TYR A 460 -24.35 5.43 8.25
CA TYR A 460 -23.24 6.32 8.56
C TYR A 460 -23.35 7.66 7.84
N ARG A 461 -23.17 8.75 8.62
CA ARG A 461 -23.20 10.14 8.18
C ARG A 461 -21.78 10.74 8.32
N LEU A 462 -21.25 11.35 7.23
CA LEU A 462 -19.94 11.99 7.19
C LEU A 462 -19.90 13.14 8.20
N ILE A 463 -19.17 12.92 9.32
CA ILE A 463 -19.05 13.86 10.47
C ILE A 463 -17.75 14.65 10.54
N GLY A 464 -16.91 14.54 9.52
CA GLY A 464 -15.64 15.25 9.43
C GLY A 464 -14.55 14.45 8.77
N GLN A 465 -13.31 14.95 8.90
CA GLN A 465 -12.11 14.32 8.34
C GLN A 465 -10.84 14.63 9.14
N TRP A 466 -9.78 13.89 8.84
CA TRP A 466 -8.48 14.05 9.45
C TRP A 466 -7.44 14.13 8.33
N THR A 467 -6.65 15.22 8.31
CA THR A 467 -5.66 15.52 7.27
C THR A 467 -4.30 15.95 7.86
N ASP A 468 -3.19 15.46 7.28
CA ASP A 468 -1.78 15.76 7.63
C ASP A 468 -1.40 15.61 9.11
N GLU A 469 -2.03 16.43 9.99
CA GLU A 469 -1.86 16.45 11.45
C GLU A 469 -3.02 17.24 12.13
N LEU A 470 -4.16 17.40 11.41
CA LEU A 470 -5.34 18.15 11.85
C LEU A 470 -6.66 17.36 11.85
N GLN A 471 -7.58 17.70 12.78
CA GLN A 471 -8.88 17.05 12.94
C GLN A 471 -10.03 18.04 12.77
N LEU A 472 -10.66 18.04 11.58
CA LEU A 472 -11.78 18.92 11.28
C LEU A 472 -13.10 18.20 11.60
N ASN A 473 -13.46 18.15 12.88
CA ASN A 473 -14.69 17.51 13.37
C ASN A 473 -15.86 18.49 13.33
N ILE A 474 -17.07 17.98 13.01
CA ILE A 474 -18.32 18.76 12.87
C ILE A 474 -19.31 18.45 14.05
N GLU A 475 -20.22 19.40 14.35
CA GLU A 475 -21.25 19.23 15.39
C GLU A 475 -22.55 18.63 14.76
N ASP A 476 -22.35 17.69 13.79
CA ASP A 476 -23.41 16.97 13.08
C ASP A 476 -23.55 15.54 13.65
N MET A 477 -23.54 15.44 15.02
CA MET A 477 -23.65 14.19 15.77
C MET A 477 -24.95 14.15 16.60
MG MG B . 6.15 9.05 -22.16
NAA Z99 C . -1.40 -3.54 4.96
OAB Z99 C . -1.28 -6.67 1.12
OAC Z99 C . 1.46 -5.92 6.27
OAD Z99 C . -2.47 -4.76 2.06
OAE Z99 C . 1.27 -3.74 6.06
CAF Z99 C . 1.15 -7.68 9.85
CAG Z99 C . -5.69 -6.47 9.38
CAH Z99 C . 1.45 -6.26 9.83
CAI Z99 C . -5.49 -5.01 9.33
CAJ Z99 C . -0.08 -8.22 9.33
CAK Z99 C . -4.61 -7.42 9.03
CAL Z99 C . 0.55 -5.33 9.30
CAM Z99 C . -4.23 -4.45 8.91
CAN Z99 C . -1.72 -5.25 6.60
CAO Z99 C . -0.46 -7.10 4.01
OAP Z99 C . -2.28 -7.82 8.27
CAQ Z99 C . -1.81 -5.90 2.08
CAR Z99 C . 0.78 -4.85 5.97
CAS Z99 C . -1.03 -7.32 8.80
CAT Z99 C . -3.33 -6.92 8.61
CAU Z99 C . -0.70 -5.82 8.78
CAV Z99 C . -3.13 -5.37 8.56
CAW Z99 C . -1.74 -4.82 8.13
CAX Z99 C . -1.68 -6.38 3.52
CAY Z99 C . -0.73 -4.82 5.48
CAZ Z99 C . -0.57 -5.61 4.14
#